data_7BK2
#
_entry.id   7BK2
#
_cell.length_a   44.910
_cell.length_b   65.960
_cell.length_c   55.040
_cell.angle_alpha   90.000
_cell.angle_beta   99.620
_cell.angle_gamma   90.000
#
_symmetry.space_group_name_H-M   'P 1 21 1'
#
loop_
_entity.id
_entity.type
_entity.pdbx_description
1 polymer 'Serine/threonine-protein kinase Chk1'
2 non-polymer 4-amino-7-methyl-2-({5-methyl-1-[(3R)-oxolan-3-yl]-1H-pyrazol-4-yl}amino)-6-[(2R)-2-methylpyrrolidin-1-yl]-7H-pyrrolo[2,3-d]pyrimidine-5-carbonitrile
3 non-polymer 'CHLORIDE ION'
4 water water
#
_entity_poly.entity_id   1
_entity_poly.type   'polypeptide(L)'
_entity_poly.pdbx_seq_one_letter_code
;MAVPFVEDWDLVQTLGEGAYGEVQLAVNRVTEEAVAVKIVDMKRAVDCPENIKKEICILKMLNHENVIKFYGHRREGNIQ
YLFMELASGGSLFDRIEPDIGMPEPDAQRFFHQLMAGVVYLHGIGITHRDIKPHNLLLDERDNLKIADYSLATVFRYNNR
ERLLNKMCGTLPYVAPELLKRREFHAEPVDVWSCGIVLTAMLAGELPWDQPSDSCQEYSDWKEKKTYLNPWKKIDSAPLA
LLHKILVENPSARITIPDIKKDRWYNKPLKKGAKRPRVTSGGVSESPSGHHHHHHHH
;
_entity_poly.pdbx_strand_id   A
#
loop_
_chem_comp.id
_chem_comp.type
_chem_comp.name
_chem_comp.formula
CL non-polymer 'CHLORIDE ION' 'Cl -1'
U0K non-polymer 4-amino-7-methyl-2-({5-methyl-1-[(3R)-oxolan-3-yl]-1H-pyrazol-4-yl}amino)-6-[(2R)-2-methylpyrrolidin-1-yl]-7H-pyrrolo[2,3-d]pyrimidine-5-carbonitrile 'C21 H27 N9 O'
#
# COMPACT_ATOMS: atom_id res chain seq x y z
N PHE A 5 15.39 20.08 16.61
CA PHE A 5 16.87 20.25 16.71
C PHE A 5 17.56 18.87 16.79
N VAL A 6 18.83 18.81 16.35
CA VAL A 6 19.77 17.68 16.60
C VAL A 6 19.90 17.51 18.13
N GLU A 7 19.36 18.43 18.95
CA GLU A 7 19.43 18.41 20.44
C GLU A 7 18.25 17.63 21.02
N ASP A 8 17.10 17.62 20.35
CA ASP A 8 15.88 16.97 20.89
C ASP A 8 15.80 15.48 20.48
N TRP A 9 16.44 15.08 19.38
CA TRP A 9 16.21 13.72 18.82
C TRP A 9 17.54 13.06 18.49
N ASP A 10 17.64 11.78 18.81
CA ASP A 10 18.74 10.88 18.37
C ASP A 10 18.23 9.95 17.23
N LEU A 11 18.77 10.12 16.02
CA LEU A 11 18.63 9.21 14.86
C LEU A 11 19.40 7.91 15.08
N VAL A 12 18.71 6.82 15.39
CA VAL A 12 19.34 5.51 15.77
C VAL A 12 19.61 4.64 14.53
N GLN A 13 18.69 4.63 13.56
CA GLN A 13 18.87 3.81 12.34
C GLN A 13 17.88 4.22 11.24
N THR A 14 18.22 3.87 10.01
CA THR A 14 17.32 3.97 8.84
C THR A 14 16.29 2.85 8.92
N LEU A 15 15.04 3.21 8.70
CA LEU A 15 13.93 2.25 8.56
C LEU A 15 13.70 1.97 7.07
N GLY A 16 14.00 2.94 6.21
CA GLY A 16 13.89 2.79 4.73
C GLY A 16 13.87 4.14 4.01
N GLU A 17 13.83 4.11 2.68
CA GLU A 17 13.73 5.32 1.82
C GLU A 17 12.32 5.34 1.23
N GLY A 18 11.56 6.43 1.38
CA GLY A 18 10.17 6.53 0.90
C GLY A 18 10.13 6.89 -0.58
N ALA A 19 8.93 7.05 -1.16
CA ALA A 19 8.79 7.51 -2.57
C ALA A 19 9.60 8.81 -2.72
N TYR A 20 9.39 9.79 -1.83
CA TYR A 20 10.11 11.10 -1.85
C TYR A 20 10.69 11.39 -0.46
N GLY A 21 11.92 10.92 -0.17
CA GLY A 21 12.63 11.09 1.11
C GLY A 21 13.04 9.77 1.76
N GLU A 22 13.30 9.78 3.08
CA GLU A 22 13.92 8.67 3.86
C GLU A 22 13.53 8.71 5.36
N VAL A 23 13.43 7.53 6.00
CA VAL A 23 12.79 7.37 7.34
C VAL A 23 13.78 6.79 8.38
N GLN A 24 13.89 7.49 9.50
CA GLN A 24 14.81 7.16 10.60
C GLN A 24 13.99 6.82 11.85
N LEU A 25 14.48 5.82 12.61
CA LEU A 25 14.04 5.58 14.00
C LEU A 25 14.70 6.69 14.82
N ALA A 26 13.90 7.66 15.31
CA ALA A 26 14.37 8.76 16.19
C ALA A 26 14.00 8.45 17.65
N VAL A 27 14.97 8.60 18.57
CA VAL A 27 14.75 8.44 20.03
C VAL A 27 14.83 9.82 20.69
N ASN A 28 13.83 10.15 21.50
CA ASN A 28 13.76 11.47 22.16
C ASN A 28 14.84 11.55 23.26
N ARG A 29 15.72 12.56 23.16
CA ARG A 29 16.88 12.79 24.05
C ARG A 29 16.45 13.08 25.48
N VAL A 30 15.17 13.39 25.69
CA VAL A 30 14.63 13.81 27.01
C VAL A 30 13.84 12.67 27.63
N THR A 31 12.94 12.07 26.84
CA THR A 31 11.92 11.07 27.27
C THR A 31 12.27 9.66 26.78
N GLU A 32 13.23 9.50 25.85
CA GLU A 32 13.51 8.20 25.14
C GLU A 32 12.27 7.65 24.40
N GLU A 33 11.19 8.40 24.23
CA GLU A 33 10.12 7.94 23.29
C GLU A 33 10.71 7.73 21.88
N ALA A 34 10.43 6.58 21.28
CA ALA A 34 10.93 6.18 19.95
C ALA A 34 9.85 6.52 18.92
N VAL A 35 10.17 7.32 17.91
CA VAL A 35 9.19 7.59 16.80
C VAL A 35 9.88 7.30 15.45
N ALA A 36 9.07 7.36 14.40
CA ALA A 36 9.55 7.36 12.99
C ALA A 36 9.57 8.82 12.54
N VAL A 37 10.70 9.22 11.95
CA VAL A 37 10.90 10.59 11.44
C VAL A 37 11.23 10.49 9.98
N LYS A 38 10.45 11.15 9.12
CA LYS A 38 10.80 11.22 7.69
C LYS A 38 11.69 12.44 7.47
N ILE A 39 12.89 12.25 6.89
CA ILE A 39 13.89 13.34 6.70
C ILE A 39 13.83 13.82 5.24
N VAL A 40 13.32 15.04 5.01
CA VAL A 40 13.09 15.56 3.62
C VAL A 40 14.10 16.70 3.35
N ASP A 41 15.12 16.38 2.54
CA ASP A 41 16.18 17.29 2.01
C ASP A 41 15.64 18.04 0.79
N MET A 42 15.07 19.24 1.02
CA MET A 42 14.67 20.28 0.02
C MET A 42 13.28 20.78 0.43
N PRO A 49 8.62 19.76 -1.33
CA PRO A 49 8.57 21.19 -1.67
C PRO A 49 7.10 21.65 -1.68
N GLU A 50 6.51 21.87 -2.86
CA GLU A 50 5.02 21.90 -3.02
C GLU A 50 4.51 20.48 -2.69
N ASN A 51 5.33 19.47 -2.99
CA ASN A 51 5.06 18.03 -2.68
C ASN A 51 4.89 17.89 -1.16
N ILE A 52 5.82 18.41 -0.35
CA ILE A 52 5.80 18.15 1.12
C ILE A 52 4.60 18.85 1.74
N LYS A 53 4.24 20.03 1.26
CA LYS A 53 3.08 20.78 1.80
C LYS A 53 1.84 19.89 1.62
N LYS A 54 1.72 19.28 0.44
CA LYS A 54 0.51 18.49 0.10
C LYS A 54 0.48 17.21 0.95
N GLU A 55 1.62 16.56 1.14
CA GLU A 55 1.73 15.32 1.97
C GLU A 55 1.33 15.65 3.42
N ILE A 56 1.89 16.70 4.02
CA ILE A 56 1.53 17.14 5.40
C ILE A 56 0.02 17.38 5.48
N CYS A 57 -0.57 18.07 4.51
CA CYS A 57 -2.02 18.37 4.54
C CYS A 57 -2.84 17.05 4.52
N ILE A 58 -2.41 16.07 3.72
CA ILE A 58 -3.17 14.78 3.64
C ILE A 58 -2.98 14.08 4.98
N LEU A 59 -1.75 14.01 5.46
CA LEU A 59 -1.45 13.37 6.76
C LEU A 59 -2.35 13.95 7.87
N LYS A 60 -2.62 15.25 7.87
CA LYS A 60 -3.50 15.85 8.92
C LYS A 60 -4.95 15.38 8.79
N MET A 61 -5.39 14.93 7.61
CA MET A 61 -6.78 14.43 7.40
C MET A 61 -6.98 13.07 8.08
N LEU A 62 -5.92 12.31 8.31
CA LEU A 62 -6.05 10.84 8.52
C LEU A 62 -6.45 10.54 9.97
N ASN A 63 -7.51 9.76 10.15
CA ASN A 63 -7.93 9.23 11.48
C ASN A 63 -8.60 7.88 11.32
N HIS A 64 -7.83 6.80 11.33
CA HIS A 64 -8.41 5.45 11.18
C HIS A 64 -7.42 4.46 11.75
N GLU A 65 -7.94 3.35 12.29
CA GLU A 65 -7.09 2.31 12.92
C GLU A 65 -6.13 1.65 11.90
N ASN A 66 -6.44 1.67 10.60
CA ASN A 66 -5.58 0.97 9.59
C ASN A 66 -4.81 1.97 8.73
N VAL A 67 -4.60 3.17 9.25
CA VAL A 67 -3.77 4.23 8.62
C VAL A 67 -2.74 4.70 9.66
N ILE A 68 -1.51 4.97 9.26
CA ILE A 68 -0.40 5.38 10.20
C ILE A 68 -0.80 6.67 10.92
N LYS A 69 -0.44 6.78 12.20
CA LYS A 69 -0.61 7.99 13.05
C LYS A 69 0.46 9.01 12.72
N PHE A 70 0.02 10.22 12.42
CA PHE A 70 0.89 11.38 12.17
C PHE A 70 0.94 12.21 13.46
N TYR A 71 2.14 12.54 13.94
CA TYR A 71 2.31 13.36 15.19
C TYR A 71 2.48 14.83 14.80
N GLY A 72 3.34 15.16 13.84
CA GLY A 72 3.48 16.54 13.31
C GLY A 72 4.77 16.72 12.54
N HIS A 73 5.18 17.98 12.33
CA HIS A 73 6.33 18.35 11.46
C HIS A 73 7.11 19.55 12.02
N ARG A 74 8.39 19.63 11.67
CA ARG A 74 9.34 20.74 11.96
C ARG A 74 10.14 20.97 10.68
N ARG A 75 10.60 22.20 10.44
CA ARG A 75 11.52 22.47 9.30
C ARG A 75 12.74 23.17 9.84
N GLU A 76 13.91 22.75 9.40
CA GLU A 76 15.10 23.55 9.73
C GLU A 76 15.89 23.78 8.44
N GLY A 77 15.62 24.89 7.74
CA GLY A 77 16.31 25.30 6.50
C GLY A 77 15.79 24.56 5.28
N ASN A 78 16.66 23.85 4.56
CA ASN A 78 16.30 23.01 3.38
C ASN A 78 16.02 21.57 3.85
N ILE A 79 15.87 21.35 5.16
CA ILE A 79 15.52 20.02 5.75
C ILE A 79 14.12 20.08 6.39
N GLN A 80 13.30 19.07 6.11
CA GLN A 80 12.07 18.99 6.93
C GLN A 80 11.82 17.60 7.50
N TYR A 81 11.20 17.62 8.68
CA TYR A 81 11.03 16.46 9.59
C TYR A 81 9.53 16.16 9.71
N LEU A 82 9.13 14.93 9.40
CA LEU A 82 7.73 14.48 9.63
C LEU A 82 7.74 13.40 10.71
N PHE A 83 6.89 13.54 11.71
CA PHE A 83 6.88 12.61 12.87
C PHE A 83 5.64 11.71 12.81
N MET A 84 5.89 10.42 12.96
CA MET A 84 4.84 9.38 12.91
C MET A 84 5.08 8.33 13.99
N GLU A 85 3.97 7.73 14.41
CA GLU A 85 3.87 6.46 15.18
C GLU A 85 4.90 5.47 14.61
N LEU A 86 5.84 5.04 15.44
CA LEU A 86 6.78 3.96 15.08
C LEU A 86 5.99 2.64 15.10
N ALA A 87 6.00 1.87 14.02
CA ALA A 87 5.25 0.59 13.97
C ALA A 87 6.15 -0.49 14.56
N SER A 88 5.81 -1.03 15.73
CA SER A 88 6.74 -1.92 16.49
C SER A 88 6.86 -3.26 15.78
N GLY A 89 5.83 -3.66 15.02
CA GLY A 89 5.87 -4.92 14.25
C GLY A 89 6.64 -4.81 12.94
N GLY A 90 7.15 -3.63 12.55
CA GLY A 90 7.85 -3.47 11.26
C GLY A 90 6.88 -3.50 10.06
N SER A 91 7.30 -4.01 8.91
CA SER A 91 6.50 -3.93 7.67
C SER A 91 5.94 -5.30 7.34
N LEU A 92 4.89 -5.30 6.53
CA LEU A 92 4.31 -6.54 6.00
C LEU A 92 5.37 -7.23 5.18
N PHE A 93 6.17 -6.46 4.45
CA PHE A 93 7.20 -7.03 3.53
C PHE A 93 8.01 -8.09 4.28
N ASP A 94 8.36 -7.82 5.55
CA ASP A 94 9.23 -8.70 6.37
C ASP A 94 8.47 -9.91 6.93
N ARG A 95 7.15 -9.98 6.78
CA ARG A 95 6.36 -11.18 7.16
C ARG A 95 6.19 -12.12 5.97
N ILE A 96 6.61 -11.72 4.78
CA ILE A 96 6.40 -12.55 3.59
C ILE A 96 7.68 -13.37 3.40
N GLU A 97 7.57 -14.69 3.44
CA GLU A 97 8.72 -15.60 3.23
C GLU A 97 8.90 -15.76 1.73
N PRO A 98 10.07 -15.41 1.14
CA PRO A 98 10.24 -15.53 -0.30
C PRO A 98 9.89 -16.94 -0.78
N ASP A 99 9.14 -17.01 -1.86
CA ASP A 99 8.69 -18.24 -2.54
C ASP A 99 7.65 -19.04 -1.74
N ILE A 100 7.32 -18.66 -0.51
CA ILE A 100 6.30 -19.35 0.35
C ILE A 100 5.10 -18.42 0.58
N GLY A 101 5.34 -17.20 1.02
CA GLY A 101 4.28 -16.26 1.42
C GLY A 101 4.08 -16.29 2.91
N MET A 102 2.88 -16.61 3.34
CA MET A 102 2.56 -16.70 4.79
C MET A 102 1.31 -17.55 4.93
N PRO A 103 0.97 -18.03 6.13
CA PRO A 103 -0.25 -18.82 6.30
C PRO A 103 -1.50 -18.04 5.85
N GLU A 104 -2.35 -18.70 5.10
CA GLU A 104 -3.58 -18.13 4.51
C GLU A 104 -4.44 -17.39 5.54
N PRO A 105 -4.66 -17.88 6.78
CA PRO A 105 -5.42 -17.11 7.75
C PRO A 105 -4.76 -15.75 8.07
N ASP A 106 -3.43 -15.68 8.13
CA ASP A 106 -2.72 -14.41 8.43
C ASP A 106 -2.92 -13.47 7.23
N ALA A 107 -2.74 -13.99 6.02
CA ALA A 107 -2.95 -13.23 4.76
C ALA A 107 -4.39 -12.69 4.69
N GLN A 108 -5.40 -13.50 5.07
CA GLN A 108 -6.81 -13.05 5.02
C GLN A 108 -7.02 -11.89 6.01
N ARG A 109 -6.47 -12.00 7.22
CA ARG A 109 -6.65 -10.96 8.27
C ARG A 109 -6.00 -9.66 7.77
N PHE A 110 -4.78 -9.72 7.29
CA PHE A 110 -4.08 -8.55 6.71
C PHE A 110 -4.92 -7.99 5.57
N PHE A 111 -5.47 -8.84 4.72
CA PHE A 111 -6.22 -8.33 3.55
C PHE A 111 -7.51 -7.65 4.03
N HIS A 112 -8.20 -8.23 5.02
CA HIS A 112 -9.36 -7.56 5.64
C HIS A 112 -8.96 -6.16 6.12
N GLN A 113 -7.86 -6.05 6.84
CA GLN A 113 -7.38 -4.76 7.43
C GLN A 113 -6.95 -3.80 6.31
N LEU A 114 -6.26 -4.29 5.29
CA LEU A 114 -5.91 -3.46 4.10
C LEU A 114 -7.17 -2.88 3.46
N MET A 115 -8.19 -3.68 3.22
CA MET A 115 -9.45 -3.20 2.60
C MET A 115 -10.08 -2.16 3.52
N ALA A 116 -10.10 -2.39 4.82
CA ALA A 116 -10.70 -1.41 5.76
C ALA A 116 -10.00 -0.04 5.62
N GLY A 117 -8.67 -0.03 5.60
CA GLY A 117 -7.90 1.22 5.43
C GLY A 117 -8.14 1.86 4.09
N VAL A 118 -8.18 1.06 3.01
CA VAL A 118 -8.43 1.60 1.65
C VAL A 118 -9.87 2.15 1.56
N VAL A 119 -10.87 1.42 2.05
CA VAL A 119 -12.28 1.97 2.13
C VAL A 119 -12.25 3.33 2.81
N TYR A 120 -11.54 3.46 3.90
CA TYR A 120 -11.47 4.74 4.67
C TYR A 120 -10.89 5.84 3.76
N LEU A 121 -9.74 5.57 3.13
CA LEU A 121 -9.06 6.58 2.28
C LEU A 121 -9.97 6.99 1.15
N HIS A 122 -10.54 6.02 0.45
CA HIS A 122 -11.39 6.29 -0.72
C HIS A 122 -12.61 7.10 -0.24
N GLY A 123 -13.11 6.81 0.97
CA GLY A 123 -14.31 7.48 1.51
C GLY A 123 -14.01 8.95 1.79
N ILE A 124 -12.78 9.31 2.10
CA ILE A 124 -12.44 10.75 2.27
C ILE A 124 -11.84 11.29 0.99
N GLY A 125 -11.93 10.55 -0.12
CA GLY A 125 -11.59 11.11 -1.45
C GLY A 125 -10.09 11.11 -1.68
N ILE A 126 -9.33 10.28 -0.96
CA ILE A 126 -7.85 10.15 -1.09
C ILE A 126 -7.51 8.82 -1.75
N THR A 127 -6.61 8.85 -2.74
CA THR A 127 -6.00 7.63 -3.35
C THR A 127 -4.55 7.58 -2.88
N HIS A 128 -4.10 6.41 -2.44
CA HIS A 128 -2.73 6.21 -1.94
C HIS A 128 -1.72 6.22 -3.11
N ARG A 129 -1.97 5.43 -4.14
CA ARG A 129 -1.19 5.29 -5.42
C ARG A 129 0.13 4.52 -5.30
N ASP A 130 0.47 3.95 -4.15
CA ASP A 130 1.74 3.16 -4.02
C ASP A 130 1.55 2.07 -2.96
N ILE A 131 0.43 1.39 -3.01
CA ILE A 131 0.14 0.31 -2.04
C ILE A 131 1.07 -0.85 -2.36
N LYS A 132 1.89 -1.24 -1.41
CA LYS A 132 2.80 -2.40 -1.50
C LYS A 132 3.26 -2.75 -0.10
N PRO A 133 3.81 -3.97 0.09
CA PRO A 133 4.09 -4.45 1.43
C PRO A 133 5.12 -3.59 2.20
N HIS A 134 6.06 -2.93 1.51
CA HIS A 134 6.98 -1.96 2.16
C HIS A 134 6.23 -0.84 2.86
N ASN A 135 5.04 -0.44 2.37
CA ASN A 135 4.23 0.70 2.88
C ASN A 135 3.10 0.23 3.82
N LEU A 136 3.06 -1.05 4.16
CA LEU A 136 1.98 -1.57 5.05
C LEU A 136 2.68 -2.00 6.33
N LEU A 137 2.42 -1.28 7.40
CA LEU A 137 3.18 -1.47 8.67
C LEU A 137 2.31 -2.24 9.64
N LEU A 138 2.95 -2.74 10.72
CA LEU A 138 2.26 -3.55 11.75
C LEU A 138 2.58 -2.98 13.15
N ASP A 139 1.55 -2.80 13.98
CA ASP A 139 1.68 -2.39 15.39
C ASP A 139 1.96 -3.66 16.22
N GLU A 140 2.01 -3.51 17.55
CA GLU A 140 2.39 -4.57 18.52
C GLU A 140 1.36 -5.70 18.49
N ARG A 141 0.11 -5.45 18.09
CA ARG A 141 -0.92 -6.54 17.95
C ARG A 141 -1.06 -6.99 16.48
N ASP A 142 -0.07 -6.72 15.63
CA ASP A 142 -0.06 -7.15 14.20
C ASP A 142 -1.24 -6.53 13.46
N ASN A 143 -1.70 -5.34 13.87
CA ASN A 143 -2.74 -4.61 13.10
C ASN A 143 -2.04 -3.86 11.99
N LEU A 144 -2.60 -3.89 10.78
CA LEU A 144 -1.96 -3.31 9.58
C LEU A 144 -2.29 -1.81 9.52
N LYS A 145 -1.30 -1.03 9.17
CA LYS A 145 -1.40 0.43 9.03
C LYS A 145 -0.86 0.83 7.66
N ILE A 146 -1.68 1.52 6.89
CA ILE A 146 -1.24 2.02 5.55
C ILE A 146 -0.42 3.28 5.82
N ALA A 147 0.83 3.29 5.34
CA ALA A 147 1.80 4.40 5.51
C ALA A 147 2.33 4.89 4.15
N ASP A 148 3.15 5.95 4.20
CA ASP A 148 3.79 6.65 3.07
C ASP A 148 2.73 7.34 2.20
N TYR A 149 2.46 8.60 2.47
CA TYR A 149 1.47 9.43 1.74
C TYR A 149 2.19 10.36 0.77
N SER A 150 3.40 10.02 0.38
CA SER A 150 4.17 10.92 -0.53
C SER A 150 3.58 10.92 -1.96
N LEU A 151 2.81 9.92 -2.39
CA LEU A 151 2.16 9.97 -3.73
C LEU A 151 0.64 10.21 -3.59
N ALA A 152 0.11 10.30 -2.38
CA ALA A 152 -1.33 10.35 -2.11
C ALA A 152 -1.86 11.65 -2.73
N THR A 153 -3.07 11.61 -3.22
CA THR A 153 -3.67 12.80 -3.84
C THR A 153 -5.18 12.72 -3.76
N VAL A 154 -5.81 13.86 -3.97
CA VAL A 154 -7.29 13.94 -3.93
C VAL A 154 -7.86 13.42 -5.22
N PHE A 155 -8.81 12.49 -5.21
CA PHE A 155 -9.52 12.08 -6.46
C PHE A 155 -10.99 12.47 -6.38
N ARG A 156 -11.46 12.87 -5.20
CA ARG A 156 -12.87 13.28 -5.04
C ARG A 156 -12.93 14.47 -4.13
N TYR A 157 -13.65 15.51 -4.58
CA TYR A 157 -13.82 16.79 -3.83
C TYR A 157 -15.20 17.38 -4.17
N ASN A 158 -15.93 17.77 -3.13
CA ASN A 158 -17.35 18.25 -3.25
C ASN A 158 -18.18 17.24 -4.04
N ASN A 159 -17.93 15.97 -3.77
CA ASN A 159 -18.70 14.86 -4.37
C ASN A 159 -18.43 14.72 -5.88
N ARG A 160 -17.36 15.31 -6.42
CA ARG A 160 -17.06 15.19 -7.86
C ARG A 160 -15.72 14.48 -8.01
N GLU A 161 -15.69 13.49 -8.88
CA GLU A 161 -14.47 12.70 -9.10
C GLU A 161 -13.55 13.46 -10.05
N ARG A 162 -12.26 13.50 -9.80
CA ARG A 162 -11.32 13.88 -10.86
C ARG A 162 -10.49 12.65 -11.27
N LEU A 163 -10.23 12.51 -12.57
CA LEU A 163 -9.36 11.43 -13.09
C LEU A 163 -7.91 11.77 -12.81
N LEU A 164 -7.10 10.74 -12.66
CA LEU A 164 -5.62 10.89 -12.50
C LEU A 164 -5.05 10.98 -13.89
N ASN A 165 -3.94 11.67 -14.08
CA ASN A 165 -3.34 11.76 -15.42
C ASN A 165 -1.82 11.70 -15.25
N LYS A 166 -1.33 11.16 -14.16
CA LYS A 166 0.12 11.09 -13.84
C LYS A 166 0.49 9.63 -13.58
N MET A 167 1.59 9.18 -14.16
CA MET A 167 2.14 7.83 -13.90
C MET A 167 2.99 7.88 -12.62
N CYS A 168 2.69 7.05 -11.65
CA CYS A 168 3.57 6.89 -10.47
C CYS A 168 3.23 5.58 -9.76
N GLY A 169 4.01 5.23 -8.77
CA GLY A 169 3.86 3.96 -8.08
C GLY A 169 5.06 3.10 -8.33
N THR A 170 4.83 1.81 -8.28
CA THR A 170 5.90 0.78 -8.33
C THR A 170 5.47 -0.19 -9.42
N LEU A 171 6.28 -0.33 -10.46
CA LEU A 171 5.88 -1.07 -11.70
C LEU A 171 5.19 -2.41 -11.41
N PRO A 172 5.74 -3.34 -10.62
CA PRO A 172 5.07 -4.62 -10.39
C PRO A 172 3.68 -4.49 -9.72
N TYR A 173 3.41 -3.36 -9.10
CA TYR A 173 2.11 -3.12 -8.41
C TYR A 173 1.15 -2.27 -9.24
N VAL A 174 1.58 -1.61 -10.31
CA VAL A 174 0.72 -0.65 -11.01
C VAL A 174 -0.28 -1.40 -11.87
N ALA A 175 -1.50 -0.87 -11.98
CA ALA A 175 -2.56 -1.37 -12.87
C ALA A 175 -2.15 -1.09 -14.31
N PRO A 176 -2.57 -1.94 -15.27
CA PRO A 176 -2.20 -1.77 -16.68
C PRO A 176 -2.69 -0.46 -17.33
N GLU A 177 -3.81 0.10 -16.87
CA GLU A 177 -4.37 1.34 -17.45
C GLU A 177 -3.44 2.53 -17.22
N LEU A 178 -2.70 2.52 -16.10
CA LEU A 178 -1.77 3.59 -15.75
C LEU A 178 -0.66 3.66 -16.81
N LEU A 179 -0.27 2.53 -17.40
CA LEU A 179 0.75 2.47 -18.47
C LEU A 179 0.16 2.78 -19.86
N LYS A 180 -1.14 2.84 -20.02
CA LYS A 180 -1.78 2.85 -21.37
C LYS A 180 -2.66 4.06 -21.57
N ARG A 181 -3.34 4.58 -20.54
CA ARG A 181 -4.37 5.62 -20.73
C ARG A 181 -3.81 6.97 -20.30
N ARG A 182 -4.19 8.03 -21.01
CA ARG A 182 -3.83 9.41 -20.64
C ARG A 182 -4.44 9.75 -19.28
N GLU A 183 -5.68 9.36 -19.05
CA GLU A 183 -6.41 9.63 -17.78
C GLU A 183 -7.05 8.33 -17.33
N PHE A 184 -7.17 8.11 -16.02
CA PHE A 184 -7.78 6.88 -15.48
C PHE A 184 -8.37 7.19 -14.10
N HIS A 185 -9.31 6.34 -13.67
CA HIS A 185 -9.97 6.39 -12.36
C HIS A 185 -8.98 5.94 -11.28
N ALA A 186 -8.94 6.65 -10.17
CA ALA A 186 -8.03 6.37 -9.04
C ALA A 186 -8.37 5.03 -8.35
N GLU A 187 -9.65 4.75 -8.09
CA GLU A 187 -10.00 3.66 -7.15
C GLU A 187 -9.59 2.31 -7.73
N PRO A 188 -9.87 1.98 -9.01
CA PRO A 188 -9.46 0.67 -9.51
C PRO A 188 -7.95 0.43 -9.51
N VAL A 189 -7.14 1.49 -9.59
CA VAL A 189 -5.66 1.36 -9.52
C VAL A 189 -5.27 0.88 -8.11
N ASP A 190 -5.84 1.47 -7.06
CA ASP A 190 -5.53 1.03 -5.67
C ASP A 190 -6.07 -0.40 -5.48
N VAL A 191 -7.25 -0.74 -6.03
CA VAL A 191 -7.76 -2.14 -5.92
C VAL A 191 -6.69 -3.09 -6.54
N TRP A 192 -6.24 -2.80 -7.76
CA TRP A 192 -5.21 -3.64 -8.42
C TRP A 192 -4.05 -3.92 -7.46
N SER A 193 -3.43 -2.88 -6.94
CA SER A 193 -2.20 -3.01 -6.14
C SER A 193 -2.51 -3.88 -4.90
N CYS A 194 -3.73 -3.78 -4.33
CA CYS A 194 -4.11 -4.68 -3.22
C CYS A 194 -4.13 -6.13 -3.74
N GLY A 195 -4.61 -6.38 -4.97
CA GLY A 195 -4.50 -7.76 -5.46
C GLY A 195 -3.07 -8.26 -5.63
N ILE A 196 -2.14 -7.40 -6.00
CA ILE A 196 -0.73 -7.84 -6.11
C ILE A 196 -0.20 -8.10 -4.69
N VAL A 197 -0.58 -7.27 -3.73
CA VAL A 197 -0.18 -7.51 -2.32
C VAL A 197 -0.70 -8.90 -1.89
N LEU A 198 -1.96 -9.19 -2.18
CA LEU A 198 -2.53 -10.51 -1.82
C LEU A 198 -1.71 -11.64 -2.47
N THR A 199 -1.40 -11.54 -3.77
CA THR A 199 -0.54 -12.53 -4.46
C THR A 199 0.77 -12.73 -3.68
N ALA A 200 1.43 -11.62 -3.36
CA ALA A 200 2.70 -11.65 -2.61
C ALA A 200 2.51 -12.38 -1.28
N MET A 201 1.43 -12.09 -0.54
CA MET A 201 1.21 -12.71 0.77
C MET A 201 1.00 -14.21 0.59
N LEU A 202 0.34 -14.64 -0.47
CA LEU A 202 -0.03 -16.07 -0.58
C LEU A 202 1.02 -16.91 -1.32
N ALA A 203 1.95 -16.28 -2.03
CA ALA A 203 2.92 -16.97 -2.93
C ALA A 203 4.36 -16.56 -2.63
N GLY A 204 4.57 -15.48 -1.91
CA GLY A 204 5.92 -14.97 -1.62
C GLY A 204 6.67 -14.67 -2.91
N GLU A 205 5.96 -14.29 -3.95
CA GLU A 205 6.57 -13.83 -5.22
C GLU A 205 5.55 -12.96 -5.96
N LEU A 206 6.09 -12.03 -6.75
CA LEU A 206 5.31 -11.13 -7.60
C LEU A 206 5.11 -11.76 -8.96
N PRO A 207 3.93 -11.61 -9.57
CA PRO A 207 3.66 -12.32 -10.81
C PRO A 207 4.38 -11.81 -12.06
N TRP A 208 4.73 -10.52 -12.08
CA TRP A 208 5.31 -9.90 -13.29
C TRP A 208 6.09 -8.63 -12.92
N ASP A 209 7.03 -8.27 -13.77
CA ASP A 209 7.78 -6.99 -13.71
C ASP A 209 6.82 -5.83 -13.91
N GLN A 210 5.88 -5.98 -14.82
CA GLN A 210 4.89 -4.94 -15.10
C GLN A 210 3.79 -5.52 -15.94
N PRO A 211 2.56 -4.97 -15.82
CA PRO A 211 1.39 -5.51 -16.49
C PRO A 211 1.31 -4.94 -17.92
N SER A 212 2.26 -5.32 -18.75
CA SER A 212 2.40 -4.86 -20.16
C SER A 212 2.47 -6.10 -21.06
N ASP A 213 1.87 -6.05 -22.26
CA ASP A 213 1.80 -7.19 -23.22
C ASP A 213 3.20 -7.68 -23.58
N SER A 214 4.21 -6.82 -23.50
CA SER A 214 5.63 -7.19 -23.73
C SER A 214 6.18 -8.00 -22.55
N CYS A 215 5.42 -8.19 -21.47
CA CYS A 215 5.84 -9.00 -20.31
C CYS A 215 5.13 -10.36 -20.39
N GLN A 216 5.90 -11.44 -20.61
CA GLN A 216 5.37 -12.81 -20.88
C GLN A 216 4.54 -13.30 -19.70
N GLU A 217 4.95 -13.01 -18.48
CA GLU A 217 4.22 -13.46 -17.27
C GLU A 217 2.82 -12.83 -17.23
N TYR A 218 2.69 -11.59 -17.67
CA TYR A 218 1.37 -10.91 -17.72
C TYR A 218 0.53 -11.56 -18.82
N SER A 219 1.12 -11.81 -20.02
CA SER A 219 0.38 -12.50 -21.11
C SER A 219 -0.12 -13.85 -20.58
N ASP A 220 0.74 -14.61 -19.90
CA ASP A 220 0.40 -15.97 -19.39
C ASP A 220 -0.83 -15.90 -18.49
N TRP A 221 -0.93 -14.86 -17.67
CA TRP A 221 -2.11 -14.66 -16.79
C TRP A 221 -3.36 -14.33 -17.62
N LYS A 222 -3.26 -13.39 -18.56
CA LYS A 222 -4.37 -13.09 -19.47
C LYS A 222 -4.83 -14.38 -20.18
N GLU A 223 -3.92 -15.30 -20.48
CA GLU A 223 -4.29 -16.57 -21.15
C GLU A 223 -4.67 -17.62 -20.10
N LYS A 224 -4.84 -17.21 -18.83
CA LYS A 224 -5.37 -18.08 -17.74
C LYS A 224 -4.48 -19.31 -17.48
N LYS A 225 -3.16 -19.20 -17.60
CA LYS A 225 -2.25 -20.33 -17.27
C LYS A 225 -1.93 -20.34 -15.76
N THR A 226 -2.92 -20.72 -14.96
CA THR A 226 -2.82 -20.68 -13.49
C THR A 226 -2.21 -21.99 -12.97
N TYR A 227 -1.78 -22.88 -13.87
CA TYR A 227 -0.91 -24.04 -13.54
C TYR A 227 0.52 -23.55 -13.39
N LEU A 228 0.85 -22.29 -13.71
CA LEU A 228 2.21 -21.72 -13.50
C LEU A 228 2.31 -20.99 -12.16
N ASN A 229 3.53 -20.74 -11.70
CA ASN A 229 3.80 -19.94 -10.48
C ASN A 229 3.54 -18.49 -10.86
N PRO A 230 3.05 -17.61 -9.97
CA PRO A 230 2.79 -17.93 -8.57
C PRO A 230 1.44 -18.57 -8.28
N TRP A 231 0.58 -18.66 -9.30
CA TRP A 231 -0.85 -18.99 -9.20
C TRP A 231 -0.99 -20.42 -8.66
N LYS A 232 -0.10 -21.35 -9.01
CA LYS A 232 -0.33 -22.76 -8.62
C LYS A 232 -0.06 -22.91 -7.12
N LYS A 233 0.57 -21.93 -6.49
CA LYS A 233 0.77 -21.96 -5.02
C LYS A 233 -0.46 -21.50 -4.26
N ILE A 234 -1.45 -20.98 -4.97
CA ILE A 234 -2.56 -20.28 -4.33
C ILE A 234 -3.80 -21.17 -4.43
N ASP A 235 -4.48 -21.35 -3.30
CA ASP A 235 -5.71 -22.16 -3.24
C ASP A 235 -6.72 -21.58 -4.20
N SER A 236 -7.64 -22.42 -4.67
CA SER A 236 -8.70 -22.05 -5.62
C SER A 236 -9.56 -20.90 -5.11
N ALA A 237 -9.89 -20.81 -3.82
CA ALA A 237 -10.81 -19.74 -3.38
C ALA A 237 -10.09 -18.38 -3.49
N PRO A 238 -8.94 -18.11 -2.81
CA PRO A 238 -8.29 -16.79 -2.96
C PRO A 238 -7.94 -16.51 -4.42
N LEU A 239 -7.58 -17.55 -5.19
CA LEU A 239 -7.30 -17.37 -6.64
C LEU A 239 -8.53 -16.88 -7.40
N ALA A 240 -9.72 -17.35 -7.06
CA ALA A 240 -10.97 -16.87 -7.67
C ALA A 240 -11.06 -15.37 -7.38
N LEU A 241 -10.69 -14.91 -6.16
CA LEU A 241 -10.76 -13.46 -5.87
C LEU A 241 -9.76 -12.71 -6.78
N LEU A 242 -8.54 -13.24 -6.89
CA LEU A 242 -7.48 -12.59 -7.70
C LEU A 242 -7.87 -12.52 -9.19
N HIS A 243 -8.58 -13.51 -9.71
CA HIS A 243 -9.20 -13.47 -11.05
C HIS A 243 -10.13 -12.26 -11.20
N LYS A 244 -10.79 -11.80 -10.14
CA LYS A 244 -11.75 -10.65 -10.25
C LYS A 244 -10.99 -9.33 -10.07
N ILE A 245 -9.91 -9.34 -9.28
CA ILE A 245 -9.11 -8.12 -8.98
C ILE A 245 -8.21 -7.83 -10.17
N LEU A 246 -7.51 -8.82 -10.63
CA LEU A 246 -6.45 -8.59 -11.64
C LEU A 246 -7.04 -8.70 -13.06
N VAL A 247 -8.09 -7.92 -13.30
CA VAL A 247 -8.82 -7.79 -14.58
C VAL A 247 -8.24 -6.55 -15.28
N GLU A 248 -7.76 -6.69 -16.51
CA GLU A 248 -7.06 -5.61 -17.26
C GLU A 248 -7.95 -4.37 -17.47
N ASN A 249 -9.21 -4.53 -17.87
CA ASN A 249 -10.14 -3.40 -18.11
C ASN A 249 -10.66 -2.87 -16.78
N PRO A 250 -10.26 -1.67 -16.31
CA PRO A 250 -10.65 -1.20 -14.99
C PRO A 250 -12.18 -1.11 -14.85
N SER A 251 -12.92 -0.98 -15.95
CA SER A 251 -14.40 -0.84 -15.84
C SER A 251 -15.03 -2.23 -15.61
N ALA A 252 -14.32 -3.33 -15.89
CA ALA A 252 -14.78 -4.73 -15.57
C ALA A 252 -14.18 -5.21 -14.23
N ARG A 253 -13.20 -4.50 -13.68
CA ARG A 253 -12.52 -4.91 -12.43
C ARG A 253 -13.46 -4.84 -11.23
N ILE A 254 -13.32 -5.78 -10.30
CA ILE A 254 -14.17 -5.81 -9.07
C ILE A 254 -13.89 -4.56 -8.25
N THR A 255 -14.96 -4.06 -7.62
CA THR A 255 -14.92 -2.89 -6.72
C THR A 255 -14.79 -3.42 -5.30
N ILE A 256 -14.47 -2.57 -4.35
CA ILE A 256 -14.29 -3.04 -2.97
C ILE A 256 -15.63 -3.56 -2.40
N PRO A 257 -16.79 -2.88 -2.60
CA PRO A 257 -18.05 -3.45 -2.11
C PRO A 257 -18.24 -4.91 -2.56
N ASP A 258 -17.86 -5.26 -3.80
CA ASP A 258 -17.99 -6.63 -4.33
C ASP A 258 -16.88 -7.52 -3.74
N ILE A 259 -15.68 -7.01 -3.47
CA ILE A 259 -14.62 -7.82 -2.80
C ILE A 259 -15.21 -8.28 -1.46
N LYS A 260 -15.94 -7.40 -0.77
CA LYS A 260 -16.53 -7.72 0.55
C LYS A 260 -17.56 -8.84 0.44
N LYS A 261 -17.98 -9.23 -0.77
CA LYS A 261 -19.00 -10.28 -0.97
C LYS A 261 -18.30 -11.55 -1.43
N ASP A 262 -16.99 -11.50 -1.62
CA ASP A 262 -16.28 -12.62 -2.26
C ASP A 262 -16.29 -13.82 -1.31
N ARG A 263 -16.31 -15.02 -1.85
CA ARG A 263 -16.36 -16.26 -1.01
C ARG A 263 -15.13 -16.40 -0.10
N TRP A 264 -13.92 -16.23 -0.63
CA TRP A 264 -12.69 -16.37 0.18
C TRP A 264 -12.67 -15.26 1.23
N TYR A 265 -12.99 -14.04 0.82
CA TYR A 265 -13.01 -12.91 1.76
C TYR A 265 -13.90 -13.24 2.99
N ASN A 266 -14.96 -13.98 2.78
CA ASN A 266 -15.90 -14.30 3.89
C ASN A 266 -15.66 -15.72 4.44
N LYS A 267 -14.55 -16.37 4.13
CA LYS A 267 -14.33 -17.76 4.63
C LYS A 267 -13.76 -17.70 6.04
N PRO A 268 -14.34 -18.43 7.01
CA PRO A 268 -13.78 -18.52 8.36
C PRO A 268 -12.48 -19.35 8.25
N LEU A 269 -11.36 -18.80 8.71
CA LEU A 269 -10.03 -19.48 8.66
C LEU A 269 -9.41 -19.45 10.05
N LYS A 270 -8.69 -20.51 10.42
CA LYS A 270 -8.18 -20.81 11.81
C LYS A 270 -6.78 -20.22 12.03
N LYS A 271 -6.64 -19.30 13.00
CA LYS A 271 -5.43 -18.50 13.33
C LYS A 271 -4.18 -19.39 13.22
C1 U0K B . 6.47 3.40 5.04
N1 U0K B . 8.79 3.70 5.80
O1 U0K B . 12.76 -4.36 11.89
C2 U0K B . 7.72 4.27 4.98
N2 U0K B . 6.11 6.13 7.80
C3 U0K B . 8.40 4.34 3.61
N3 U0K B . 6.37 4.37 10.97
C4 U0K B . 9.90 4.48 3.94
N4 U0K B . 7.62 2.49 11.50
C5 U0K B . 10.07 3.55 5.11
N5 U0K B . 8.87 0.64 12.10
C6 U0K B . 8.54 3.44 7.16
N6 U0K B . 11.25 -1.89 12.70
C7 U0K B . 7.70 4.08 8.09
N7 U0K B . 11.28 -1.91 11.34
C8 U0K B . 6.86 5.21 7.88
N8 U0K B . 9.11 1.38 9.98
C9 U0K B . 7.85 3.38 9.33
N9 U0K B . 9.13 2.36 7.76
C10 U0K B . 7.29 3.45 10.62
C11 U0K B . 8.52 1.54 11.15
C12 U0K B . 9.82 -0.36 12.05
C13 U0K B . 10.38 -0.97 13.16
C14 U0K B . 10.13 -0.69 14.61
C15 U0K B . 10.40 -0.99 10.96
C16 U0K B . 12.12 -2.77 13.48
C17 U0K B . 13.60 -2.52 13.16
C18 U0K B . 13.77 -3.35 11.89
C19 U0K B . 11.99 -4.25 13.09
C20 U0K B . 8.74 2.31 9.08
C21 U0K B . 10.04 1.41 7.12
CL CL C . 13.11 -10.83 -2.08
CL CL D . 7.13 -10.26 -2.04
#